data_4ZU5
#
_entry.id   4ZU5
#
_cell.length_a   93.742
_cell.length_b   93.742
_cell.length_c   95.623
_cell.angle_alpha   90.00
_cell.angle_beta   90.00
_cell.angle_gamma   90.00
#
_symmetry.space_group_name_H-M   'P 4 21 2'
#
loop_
_entity.id
_entity.type
_entity.pdbx_description
1 polymer QdtA
2 non-polymer THYMIDINE
3 non-polymer (2S)-1-[3-{[(2R)-2-hydroxypropyl]oxy}-2,2-bis({[(2R)-2-hydroxypropyl]oxy}methyl)propoxy]propan-2-ol
4 water water
#
_entity_poly.entity_id   1
_entity_poly.type   'polypeptide(L)'
_entity_poly.pdbx_seq_one_letter_code
;MLYNVALIKFKDIADKYGHLTPIEGKIDIPFDIKRVYYITKVDKDITRGYHSHKKLHQVLICLNGSVKIRLKIPDEEKII
ELNDPSVGLYIGPLVWREMFDFTEGCVLLVLASEYYDETDYIRNYDFYIDEAKKRFLEHHHHHH
;
_entity_poly.pdbx_strand_id   A,B
#
# COMPACT_ATOMS: atom_id res chain seq x y z
N MET A 1 15.25 23.25 8.67
CA MET A 1 14.21 23.87 9.53
C MET A 1 13.12 22.85 9.77
N LEU A 2 12.48 22.32 8.73
CA LEU A 2 11.60 21.17 8.98
C LEU A 2 12.31 19.81 9.09
N TYR A 3 12.71 19.52 10.30
CA TYR A 3 13.39 18.28 10.66
C TYR A 3 12.51 17.04 10.56
N ASN A 4 13.13 15.89 10.32
CA ASN A 4 12.54 14.57 10.50
C ASN A 4 11.50 14.25 9.42
N VAL A 5 11.68 14.88 8.29
CA VAL A 5 10.79 14.72 7.15
C VAL A 5 11.57 14.69 5.85
N ALA A 6 11.13 13.91 4.86
CA ALA A 6 11.76 13.92 3.54
C ALA A 6 10.75 13.45 2.52
N LEU A 7 11.03 13.88 1.30
CA LEU A 7 10.43 13.31 0.11
C LEU A 7 11.34 12.26 -0.46
N ILE A 8 10.76 11.10 -0.67
CA ILE A 8 11.47 9.98 -1.20
C ILE A 8 10.92 9.60 -2.57
N LYS A 9 11.81 9.36 -3.51
CA LYS A 9 11.38 9.08 -4.86
C LYS A 9 11.53 7.61 -5.12
N PHE A 10 10.47 7.02 -5.64
CA PHE A 10 10.45 5.61 -6.00
C PHE A 10 10.54 5.45 -7.52
N LYS A 11 10.87 4.24 -7.95
CA LYS A 11 10.84 3.82 -9.32
C LYS A 11 9.39 3.86 -9.79
N ASP A 12 9.16 4.40 -10.98
CA ASP A 12 7.86 4.38 -11.66
C ASP A 12 8.02 3.62 -12.99
N ILE A 13 7.66 2.35 -13.04
CA ILE A 13 7.74 1.57 -14.25
C ILE A 13 6.51 1.88 -15.11
N ALA A 14 6.72 2.66 -16.16
CA ALA A 14 5.64 3.11 -17.02
C ALA A 14 5.86 2.49 -18.41
N ASP A 15 4.86 1.80 -18.90
CA ASP A 15 4.95 1.29 -20.26
C ASP A 15 3.52 1.18 -20.74
N LYS A 16 3.28 0.42 -21.79
CA LYS A 16 1.93 0.39 -22.34
C LYS A 16 0.95 -0.31 -21.41
N TYR A 17 1.49 -1.09 -20.47
CA TYR A 17 0.67 -1.78 -19.48
C TYR A 17 0.26 -0.95 -18.28
N GLY A 18 0.73 0.29 -18.20
CA GLY A 18 0.36 1.22 -17.14
C GLY A 18 1.58 1.63 -16.31
N HIS A 19 1.36 1.93 -15.03
CA HIS A 19 2.44 2.31 -14.15
C HIS A 19 2.47 1.34 -12.98
N LEU A 20 3.68 1.01 -12.53
CA LEU A 20 3.89 0.22 -11.34
C LEU A 20 5.03 0.83 -10.54
N THR A 21 4.80 0.95 -9.24
CA THR A 21 5.85 1.37 -8.33
C THR A 21 6.08 0.30 -7.26
N PRO A 22 7.32 -0.17 -7.11
CA PRO A 22 7.65 -1.18 -6.10
C PRO A 22 8.36 -0.50 -4.92
N ILE A 23 8.12 -1.02 -3.73
CA ILE A 23 8.79 -0.50 -2.52
C ILE A 23 9.17 -1.71 -1.69
N GLU A 24 10.47 -1.95 -1.56
CA GLU A 24 11.00 -3.05 -0.74
C GLU A 24 11.58 -2.50 0.57
N GLY A 25 11.22 -3.12 1.70
CA GLY A 25 11.67 -2.69 3.01
C GLY A 25 13.19 -2.71 3.12
N LYS A 26 13.72 -1.61 3.66
CA LYS A 26 15.14 -1.43 3.87
C LYS A 26 15.91 -1.06 2.61
N ILE A 27 15.27 -1.13 1.46
CA ILE A 27 15.90 -0.78 0.18
C ILE A 27 15.32 0.54 -0.30
N ASP A 28 14.03 0.58 -0.67
CA ASP A 28 13.48 1.81 -1.18
C ASP A 28 13.11 2.81 -0.06
N ILE A 29 12.94 2.27 1.14
CA ILE A 29 12.70 3.01 2.36
C ILE A 29 13.62 2.42 3.41
N PRO A 30 13.97 3.24 4.39
CA PRO A 30 14.98 2.84 5.34
C PRO A 30 14.56 1.84 6.42
N PHE A 31 13.31 1.38 6.48
CA PHE A 31 12.87 0.48 7.56
C PHE A 31 12.13 -0.74 6.99
N ASP A 32 11.94 -1.79 7.77
CA ASP A 32 11.07 -2.91 7.36
C ASP A 32 9.65 -2.52 7.59
N ILE A 33 8.79 -2.96 6.70
CA ILE A 33 7.36 -2.68 6.78
C ILE A 33 6.69 -3.72 7.70
N LYS A 34 6.29 -3.27 8.89
CA LYS A 34 5.59 -4.14 9.84
C LYS A 34 4.09 -3.99 9.63
N ARG A 35 3.67 -2.86 9.06
CA ARG A 35 2.27 -2.51 8.98
C ARG A 35 1.98 -1.57 7.83
N VAL A 36 0.84 -1.72 7.17
CA VAL A 36 0.39 -0.74 6.21
C VAL A 36 -1.04 -0.42 6.58
N TYR A 37 -1.43 0.81 6.25
CA TYR A 37 -2.82 1.16 6.25
C TYR A 37 -3.15 2.15 5.20
N TYR A 38 -4.41 2.22 4.84
CA TYR A 38 -4.76 3.15 3.79
C TYR A 38 -6.11 3.84 4.09
N ILE A 39 -6.23 5.07 3.58
CA ILE A 39 -7.38 5.94 3.84
C ILE A 39 -8.05 6.27 2.52
N THR A 40 -9.35 6.01 2.48
CA THR A 40 -10.15 6.24 1.29
C THR A 40 -11.49 6.88 1.70
N LYS A 41 -12.16 7.45 0.70
CA LYS A 41 -13.54 7.91 0.80
C LYS A 41 -13.63 9.05 1.84
N VAL A 42 -12.65 9.96 1.84
CA VAL A 42 -12.68 11.08 2.79
C VAL A 42 -13.44 12.25 2.17
N ASP A 43 -14.38 12.79 2.92
CA ASP A 43 -15.15 13.93 2.41
C ASP A 43 -14.27 15.16 2.24
N LYS A 44 -14.63 15.96 1.25
CA LYS A 44 -13.74 17.01 0.78
C LYS A 44 -13.47 18.10 1.81
N ASP A 45 -14.25 18.13 2.87
CA ASP A 45 -14.19 19.19 3.88
C ASP A 45 -13.57 18.69 5.18
N ILE A 46 -12.99 17.50 5.12
CA ILE A 46 -12.50 16.86 6.31
C ILE A 46 -10.99 17.10 6.45
N THR A 47 -10.61 17.25 7.72
CA THR A 47 -9.23 17.21 8.18
C THR A 47 -9.11 16.06 9.16
N ARG A 48 -8.15 15.18 8.93
CA ARG A 48 -7.93 14.10 9.90
C ARG A 48 -6.49 14.07 10.32
N GLY A 49 -6.12 13.05 11.08
CA GLY A 49 -4.76 12.97 11.65
C GLY A 49 -4.74 13.52 13.07
N TYR A 50 -4.08 14.67 13.28
CA TYR A 50 -3.95 15.30 14.59
C TYR A 50 -3.22 14.35 15.52
N HIS A 51 -1.98 13.99 15.18
CA HIS A 51 -1.20 13.14 16.06
C HIS A 51 0.27 13.15 15.69
N SER A 52 1.07 12.63 16.59
CA SER A 52 2.47 12.38 16.37
C SER A 52 2.88 11.04 17.00
N HIS A 53 4.17 10.72 16.93
CA HIS A 53 4.73 9.54 17.58
C HIS A 53 6.08 9.79 18.11
N LYS A 54 6.50 9.00 19.08
CA LYS A 54 7.89 9.08 19.57
C LYS A 54 8.85 8.12 18.86
N LYS A 55 8.39 6.96 18.43
CA LYS A 55 9.34 5.92 17.96
C LYS A 55 9.07 5.42 16.53
N LEU A 56 7.90 5.69 16.01
CA LEU A 56 7.43 5.19 14.75
C LEU A 56 8.03 5.99 13.57
N HIS A 57 8.31 5.29 12.46
CA HIS A 57 8.76 5.93 11.23
C HIS A 57 7.71 5.48 10.22
N GLN A 58 7.31 6.39 9.35
CA GLN A 58 6.25 6.16 8.39
C GLN A 58 6.64 6.79 7.08
N VAL A 59 6.04 6.29 6.01
CA VAL A 59 6.07 6.91 4.71
C VAL A 59 4.64 6.99 4.22
N LEU A 60 4.24 8.18 3.81
CA LEU A 60 2.91 8.41 3.27
C LEU A 60 2.98 8.52 1.75
N ILE A 61 2.01 7.95 1.06
CA ILE A 61 2.00 8.00 -0.42
C ILE A 61 0.57 8.14 -0.91
N CYS A 62 0.35 9.08 -1.83
CA CYS A 62 -0.99 9.29 -2.39
C CYS A 62 -1.08 8.61 -3.73
N LEU A 63 -1.84 7.50 -3.79
CA LEU A 63 -1.81 6.55 -4.89
C LEU A 63 -2.79 6.98 -6.00
N ASN A 64 -3.68 7.90 -5.65
CA ASN A 64 -4.66 8.40 -6.61
C ASN A 64 -5.20 9.72 -6.06
N GLY A 65 -5.39 10.67 -6.97
CA GLY A 65 -5.85 12.00 -6.58
C GLY A 65 -4.76 12.79 -5.88
N SER A 66 -5.20 13.60 -4.92
CA SER A 66 -4.34 14.50 -4.19
C SER A 66 -4.84 14.72 -2.78
N VAL A 67 -3.91 15.01 -1.86
CA VAL A 67 -4.18 15.24 -0.47
C VAL A 67 -3.03 16.10 0.06
N LYS A 68 -3.37 16.94 1.02
CA LYS A 68 -2.44 17.86 1.65
C LYS A 68 -2.10 17.44 3.05
N ILE A 69 -0.79 17.44 3.33
CA ILE A 69 -0.32 17.02 4.63
C ILE A 69 0.25 18.24 5.30
N ARG A 70 -0.33 18.59 6.43
CA ARG A 70 0.20 19.70 7.25
C ARG A 70 1.12 19.07 8.28
N LEU A 71 2.41 19.43 8.20
CA LEU A 71 3.42 18.96 9.09
C LEU A 71 3.82 20.10 10.00
N LYS A 72 3.97 19.78 11.28
CA LYS A 72 4.49 20.79 12.17
C LYS A 72 5.30 20.30 13.33
N ILE A 73 6.27 21.12 13.69
CA ILE A 73 7.03 20.95 14.89
C ILE A 73 7.01 22.36 15.51
N PRO A 74 7.59 22.50 16.68
CA PRO A 74 7.51 23.81 17.29
C PRO A 74 8.12 24.89 16.39
N ASP A 75 7.33 25.95 16.20
CA ASP A 75 7.78 27.14 15.48
C ASP A 75 7.84 26.90 13.99
N GLU A 76 7.52 25.69 13.51
CA GLU A 76 7.62 25.50 12.07
C GLU A 76 6.43 24.75 11.52
N GLU A 77 5.93 25.15 10.36
CA GLU A 77 4.91 24.38 9.72
C GLU A 77 5.06 24.40 8.22
N LYS A 78 4.76 23.28 7.56
CA LYS A 78 4.76 23.22 6.11
C LYS A 78 3.59 22.41 5.68
N ILE A 79 3.15 22.73 4.49
CA ILE A 79 2.11 21.90 3.96
C ILE A 79 2.60 21.32 2.64
N ILE A 80 2.55 20.00 2.53
CA ILE A 80 3.02 19.30 1.37
C ILE A 80 1.83 18.66 0.67
N GLU A 81 1.71 18.88 -0.63
CA GLU A 81 0.70 18.20 -1.42
C GLU A 81 1.25 16.95 -2.08
N LEU A 82 0.59 15.85 -1.80
CA LEU A 82 0.95 14.58 -2.38
C LEU A 82 -0.03 14.22 -3.47
N ASN A 83 0.51 13.90 -4.63
CA ASN A 83 -0.29 13.72 -5.84
C ASN A 83 0.41 12.91 -6.87
N ASP A 84 1.52 12.29 -6.49
CA ASP A 84 2.27 11.44 -7.37
C ASP A 84 2.45 10.10 -6.67
N PRO A 85 1.99 8.99 -7.25
CA PRO A 85 2.24 7.72 -6.58
C PRO A 85 3.71 7.29 -6.43
N SER A 86 4.64 7.90 -7.19
CA SER A 86 6.05 7.51 -7.10
C SER A 86 6.84 8.33 -6.13
N VAL A 87 6.16 9.13 -5.34
CA VAL A 87 6.80 9.99 -4.31
C VAL A 87 6.21 9.68 -2.94
N GLY A 88 7.08 9.37 -1.98
CA GLY A 88 6.64 9.15 -0.61
C GLY A 88 7.10 10.26 0.32
N LEU A 89 6.31 10.48 1.36
CA LEU A 89 6.65 11.45 2.41
C LEU A 89 7.04 10.66 3.63
N TYR A 90 8.33 10.70 3.92
CA TYR A 90 8.86 10.11 5.15
C TYR A 90 8.65 11.06 6.28
N ILE A 91 8.12 10.52 7.37
CA ILE A 91 7.91 11.29 8.58
C ILE A 91 8.46 10.53 9.75
N GLY A 92 9.46 11.10 10.38
CA GLY A 92 10.04 10.55 11.57
C GLY A 92 9.40 10.97 12.88
N PRO A 93 10.05 10.65 13.99
CA PRO A 93 9.51 10.90 15.32
C PRO A 93 9.31 12.39 15.61
N LEU A 94 8.20 12.63 16.29
CA LEU A 94 7.89 13.90 16.89
C LEU A 94 7.61 14.98 15.90
N VAL A 95 6.98 14.57 14.82
CA VAL A 95 6.42 15.52 13.90
C VAL A 95 4.92 15.39 14.01
N TRP A 96 4.20 16.50 14.18
CA TRP A 96 2.74 16.48 14.27
C TRP A 96 2.20 16.56 12.88
N ARG A 97 1.16 15.80 12.59
CA ARG A 97 0.56 15.95 11.28
C ARG A 97 -0.95 15.90 11.24
N GLU A 98 -1.45 16.59 10.23
CA GLU A 98 -2.88 16.61 9.83
C GLU A 98 -2.96 16.48 8.32
N MET A 99 -4.06 15.91 7.85
CA MET A 99 -4.24 15.71 6.44
C MET A 99 -5.59 16.26 5.99
N PHE A 100 -5.63 16.87 4.82
CA PHE A 100 -6.83 17.61 4.40
C PHE A 100 -6.88 17.82 2.89
N ASP A 101 -8.00 18.34 2.39
CA ASP A 101 -8.19 18.45 0.96
C ASP A 101 -7.98 17.15 0.22
N PHE A 102 -8.54 16.07 0.77
CA PHE A 102 -8.58 14.83 0.02
C PHE A 102 -9.50 15.04 -1.19
N THR A 103 -8.99 14.83 -2.40
CA THR A 103 -9.84 14.84 -3.57
C THR A 103 -10.74 13.61 -3.70
N GLU A 104 -11.70 13.69 -4.61
CA GLU A 104 -12.66 12.61 -4.83
C GLU A 104 -11.85 11.48 -5.44
N GLY A 105 -11.97 10.28 -4.87
CA GLY A 105 -11.20 9.12 -5.34
C GLY A 105 -9.80 9.01 -4.68
N CYS A 106 -9.45 9.92 -3.78
CA CYS A 106 -8.09 9.91 -3.19
C CYS A 106 -7.85 8.62 -2.41
N VAL A 107 -6.60 8.16 -2.45
CA VAL A 107 -6.18 7.00 -1.70
C VAL A 107 -4.83 7.36 -1.10
N LEU A 108 -4.75 7.37 0.22
CA LEU A 108 -3.49 7.65 0.94
C LEU A 108 -3.03 6.32 1.58
N LEU A 109 -1.82 5.88 1.23
CA LEU A 109 -1.22 4.67 1.77
C LEU A 109 -0.15 5.07 2.78
N VAL A 110 -0.09 4.36 3.89
CA VAL A 110 0.95 4.61 4.86
C VAL A 110 1.67 3.30 5.11
N LEU A 111 3.00 3.34 5.02
CA LEU A 111 3.85 2.24 5.43
C LEU A 111 4.49 2.61 6.78
N ALA A 112 4.54 1.68 7.74
CA ALA A 112 4.88 1.95 9.11
C ALA A 112 5.91 0.96 9.58
N SER A 113 6.85 1.45 10.36
CA SER A 113 7.99 0.66 10.87
C SER A 113 7.68 -0.23 12.09
N GLU A 114 6.52 -0.08 12.69
CA GLU A 114 6.12 -0.91 13.81
C GLU A 114 4.68 -1.27 13.79
N TYR A 115 4.35 -2.37 14.44
CA TYR A 115 2.92 -2.61 14.72
C TYR A 115 2.35 -1.49 15.57
N TYR A 116 1.05 -1.29 15.41
CA TYR A 116 0.27 -0.37 16.19
C TYR A 116 0.53 -0.49 17.68
N ASP A 117 0.84 0.64 18.30
CA ASP A 117 1.13 0.74 19.73
C ASP A 117 0.42 2.02 20.19
N GLU A 118 -0.73 1.91 20.82
CA GLU A 118 -1.43 3.08 21.32
C GLU A 118 -0.53 3.95 22.19
N THR A 119 0.34 3.33 23.00
CA THR A 119 1.26 4.13 23.80
C THR A 119 2.25 4.99 23.04
N ASP A 120 2.35 4.86 21.71
CA ASP A 120 3.30 5.69 20.98
C ASP A 120 2.52 6.65 20.13
N TYR A 121 1.20 6.63 20.24
CA TYR A 121 0.34 7.49 19.45
C TYR A 121 0.14 8.69 20.32
N ILE A 122 0.85 9.78 20.09
CA ILE A 122 0.64 11.01 20.85
C ILE A 122 -0.55 11.77 20.28
N ARG A 123 -1.64 11.84 21.04
CA ARG A 123 -2.84 12.54 20.58
C ARG A 123 -3.06 13.87 21.31
N ASN A 124 -2.39 14.06 22.44
CA ASN A 124 -2.54 15.31 23.17
C ASN A 124 -1.59 16.35 22.64
N TYR A 125 -2.15 17.40 22.09
CA TYR A 125 -1.33 18.41 21.48
C TYR A 125 -0.39 19.07 22.47
N ASP A 126 -0.83 19.29 23.71
CA ASP A 126 0.06 19.95 24.68
C ASP A 126 1.23 19.06 25.10
N PHE A 127 0.97 17.77 25.21
CA PHE A 127 2.03 16.83 25.50
C PHE A 127 2.98 16.75 24.31
N TYR A 128 2.44 16.68 23.10
CA TYR A 128 3.27 16.68 21.92
C TYR A 128 4.24 17.84 22.02
N ILE A 129 3.71 19.04 22.17
CA ILE A 129 4.53 20.24 22.15
C ILE A 129 5.60 20.23 23.23
N ASP A 130 5.25 19.79 24.42
CA ASP A 130 6.23 19.70 25.48
C ASP A 130 7.36 18.78 25.03
N GLU A 131 7.02 17.55 24.66
CA GLU A 131 8.07 16.60 24.21
C GLU A 131 8.88 17.15 23.04
N ALA A 132 8.21 17.75 22.06
CA ALA A 132 8.92 18.22 20.89
C ALA A 132 9.78 19.43 21.17
N LYS A 133 9.38 20.30 22.09
CA LYS A 133 10.25 21.40 22.46
C LYS A 133 11.56 20.92 23.05
N LYS A 134 11.53 19.89 23.87
CA LYS A 134 12.77 19.30 24.37
C LYS A 134 13.72 18.79 23.26
N ARG A 135 13.16 18.20 22.21
CA ARG A 135 14.00 17.74 21.08
C ARG A 135 14.56 18.88 20.22
N PHE A 136 13.70 19.82 19.82
CA PHE A 136 14.00 20.75 18.77
C PHE A 136 14.52 22.11 19.26
N LEU A 137 14.03 22.58 20.38
CA LEU A 137 14.46 23.88 20.90
C LEU A 137 15.90 23.75 21.44
N GLU A 138 16.83 24.51 20.84
CA GLU A 138 18.30 24.50 21.10
C GLU A 138 18.69 24.42 22.57
N LEU B 2 -9.12 -21.65 -7.88
CA LEU B 2 -9.49 -22.77 -6.94
C LEU B 2 -8.43 -22.92 -5.82
N TYR B 3 -7.56 -23.92 -5.89
CA TYR B 3 -6.49 -24.04 -4.90
C TYR B 3 -5.59 -22.84 -4.81
N ASN B 4 -5.08 -22.62 -3.59
CA ASN B 4 -4.03 -21.63 -3.32
C ASN B 4 -4.52 -20.19 -3.42
N VAL B 5 -5.83 -20.00 -3.31
CA VAL B 5 -6.38 -18.66 -3.31
C VAL B 5 -7.48 -18.49 -2.27
N ALA B 6 -7.59 -17.30 -1.70
CA ALA B 6 -8.56 -16.98 -0.65
C ALA B 6 -8.88 -15.49 -0.72
N LEU B 7 -10.09 -15.16 -0.30
CA LEU B 7 -10.45 -13.79 -0.02
C LEU B 7 -10.35 -13.53 1.46
N ILE B 8 -9.60 -12.51 1.82
CA ILE B 8 -9.32 -12.21 3.20
C ILE B 8 -10.01 -10.94 3.57
N LYS B 9 -10.68 -10.87 4.71
CA LYS B 9 -11.45 -9.70 5.08
C LYS B 9 -10.68 -8.87 6.08
N PHE B 10 -10.53 -7.59 5.77
CA PHE B 10 -9.86 -6.68 6.72
C PHE B 10 -10.83 -5.82 7.51
N LYS B 11 -10.38 -5.34 8.65
CA LYS B 11 -11.04 -4.27 9.40
C LYS B 11 -11.29 -3.04 8.51
N ASP B 12 -12.43 -2.40 8.62
CA ASP B 12 -12.68 -1.14 7.92
C ASP B 12 -13.28 -0.20 8.94
N ILE B 13 -12.46 0.77 9.35
CA ILE B 13 -12.86 1.74 10.34
C ILE B 13 -13.46 2.90 9.58
N ALA B 14 -14.79 3.02 9.66
CA ALA B 14 -15.48 4.05 8.93
C ALA B 14 -16.22 4.96 9.91
N ASP B 15 -16.03 6.26 9.75
CA ASP B 15 -16.70 7.25 10.56
C ASP B 15 -16.75 8.52 9.74
N LYS B 16 -16.99 9.66 10.35
CA LYS B 16 -17.15 10.85 9.53
C LYS B 16 -15.83 11.30 8.88
N TYR B 17 -14.70 10.87 9.45
CA TYR B 17 -13.37 11.16 8.88
C TYR B 17 -12.98 10.31 7.66
N GLY B 18 -13.78 9.32 7.33
CA GLY B 18 -13.66 8.57 6.07
C GLY B 18 -13.45 7.11 6.45
N HIS B 19 -12.76 6.35 5.60
CA HIS B 19 -12.47 4.96 5.89
C HIS B 19 -10.97 4.68 6.00
N LEU B 20 -10.61 3.79 6.90
CA LEU B 20 -9.22 3.37 7.07
C LEU B 20 -9.20 1.84 7.25
N THR B 21 -8.31 1.17 6.51
CA THR B 21 -8.04 -0.25 6.74
C THR B 21 -6.59 -0.48 7.10
N PRO B 22 -6.33 -1.16 8.23
CA PRO B 22 -5.00 -1.52 8.59
C PRO B 22 -4.69 -2.99 8.32
N ILE B 23 -3.45 -3.25 7.99
CA ILE B 23 -3.00 -4.64 7.71
C ILE B 23 -1.65 -4.75 8.39
N GLU B 24 -1.54 -5.60 9.40
CA GLU B 24 -0.26 -5.85 10.01
C GLU B 24 0.23 -7.23 9.67
N GLY B 25 1.52 -7.26 9.29
CA GLY B 25 2.15 -8.48 8.84
C GLY B 25 2.06 -9.56 9.86
N LYS B 26 1.73 -10.79 9.42
CA LYS B 26 1.57 -11.95 10.28
C LYS B 26 0.28 -11.98 11.09
N ILE B 27 -0.44 -10.86 11.15
CA ILE B 27 -1.70 -10.79 11.89
C ILE B 27 -2.86 -10.80 10.92
N ASP B 28 -3.01 -9.70 10.18
CA ASP B 28 -4.09 -9.62 9.24
C ASP B 28 -3.91 -10.45 7.96
N ILE B 29 -2.66 -10.78 7.66
CA ILE B 29 -2.28 -11.67 6.61
C ILE B 29 -1.25 -12.64 7.20
N PRO B 30 -1.10 -13.80 6.55
CA PRO B 30 -0.27 -14.80 7.17
C PRO B 30 1.22 -14.59 7.01
N PHE B 31 1.68 -13.55 6.33
CA PHE B 31 3.13 -13.42 6.17
C PHE B 31 3.62 -12.01 6.52
N ASP B 32 4.92 -11.85 6.68
CA ASP B 32 5.53 -10.54 6.84
C ASP B 32 5.58 -9.86 5.48
N ILE B 33 5.43 -8.55 5.48
CA ILE B 33 5.34 -7.77 4.23
C ILE B 33 6.78 -7.33 3.95
N LYS B 34 7.49 -7.99 3.05
CA LYS B 34 8.87 -7.60 2.68
C LYS B 34 8.86 -6.53 1.61
N ARG B 35 7.81 -6.56 0.77
CA ARG B 35 7.74 -5.71 -0.41
C ARG B 35 6.29 -5.35 -0.65
N VAL B 36 6.02 -4.14 -1.13
CA VAL B 36 4.70 -3.81 -1.68
C VAL B 36 4.98 -3.19 -3.05
N TYR B 37 4.01 -3.34 -3.94
CA TYR B 37 3.99 -2.52 -5.16
C TYR B 37 2.57 -2.15 -5.50
N TYR B 38 2.41 -1.14 -6.36
CA TYR B 38 1.08 -0.76 -6.74
C TYR B 38 1.03 -0.34 -8.21
N ILE B 39 -0.14 -0.55 -8.79
CA ILE B 39 -0.36 -0.44 -10.22
C ILE B 39 -1.48 0.57 -10.40
N THR B 40 -1.22 1.62 -11.19
CA THR B 40 -2.16 2.71 -11.46
C THR B 40 -2.13 3.06 -12.99
N LYS B 41 -3.13 3.83 -13.41
CA LYS B 41 -3.17 4.45 -14.73
C LYS B 41 -3.15 3.43 -15.85
N VAL B 42 -3.79 2.29 -15.65
CA VAL B 42 -3.80 1.25 -16.67
C VAL B 42 -4.99 1.52 -17.63
N ASP B 43 -4.73 1.45 -18.92
CA ASP B 43 -5.78 1.75 -19.92
C ASP B 43 -6.80 0.65 -19.94
N LYS B 44 -8.03 0.96 -20.35
CA LYS B 44 -9.22 0.11 -20.11
C LYS B 44 -9.20 -1.17 -20.93
N ASP B 45 -8.51 -1.12 -22.05
CA ASP B 45 -8.43 -2.27 -22.94
C ASP B 45 -7.25 -3.19 -22.60
N ILE B 46 -6.45 -2.84 -21.57
CA ILE B 46 -5.18 -3.56 -21.30
C ILE B 46 -5.37 -4.79 -20.41
N THR B 47 -4.60 -5.83 -20.69
CA THR B 47 -4.48 -6.99 -19.80
C THR B 47 -3.01 -7.07 -19.44
N ARG B 48 -2.73 -7.25 -18.14
CA ARG B 48 -1.35 -7.37 -17.66
C ARG B 48 -1.18 -8.49 -16.67
N GLY B 49 0.04 -8.64 -16.17
CA GLY B 49 0.33 -9.76 -15.33
C GLY B 49 1.01 -10.81 -16.15
N TYR B 50 0.32 -11.91 -16.41
CA TYR B 50 0.93 -13.01 -17.15
C TYR B 50 2.13 -13.63 -16.45
N HIS B 51 1.95 -14.10 -15.22
CA HIS B 51 3.05 -14.65 -14.44
C HIS B 51 2.51 -15.50 -13.30
N SER B 52 3.42 -16.33 -12.77
CA SER B 52 3.19 -17.04 -11.57
C SER B 52 4.47 -17.00 -10.73
N HIS B 53 4.50 -17.78 -9.66
CA HIS B 53 5.73 -17.88 -8.85
C HIS B 53 5.74 -19.22 -8.17
N LYS B 54 6.92 -19.70 -7.79
CA LYS B 54 7.00 -20.99 -7.05
C LYS B 54 6.97 -20.82 -5.54
N LYS B 55 7.46 -19.69 -5.06
CA LYS B 55 7.67 -19.57 -3.64
C LYS B 55 6.95 -18.37 -3.00
N LEU B 56 6.50 -17.41 -3.78
CA LEU B 56 5.99 -16.16 -3.23
C LEU B 56 4.52 -16.27 -2.82
N HIS B 57 4.19 -15.61 -1.71
CA HIS B 57 2.81 -15.41 -1.31
C HIS B 57 2.50 -13.93 -1.43
N GLN B 58 1.31 -13.65 -1.94
CA GLN B 58 0.91 -12.29 -2.20
C GLN B 58 -0.52 -12.11 -1.74
N VAL B 59 -0.88 -10.85 -1.47
CA VAL B 59 -2.26 -10.38 -1.31
C VAL B 59 -2.53 -9.12 -2.12
N LEU B 60 -3.57 -9.21 -2.95
CA LEU B 60 -3.94 -8.15 -3.90
C LEU B 60 -5.16 -7.43 -3.41
N ILE B 61 -5.14 -6.11 -3.49
CA ILE B 61 -6.22 -5.32 -2.93
C ILE B 61 -6.50 -4.12 -3.83
N CYS B 62 -7.76 -3.98 -4.24
CA CYS B 62 -8.15 -2.86 -5.04
C CYS B 62 -8.62 -1.72 -4.12
N LEU B 63 -7.87 -0.63 -4.13
CA LEU B 63 -8.09 0.46 -3.17
C LEU B 63 -8.96 1.58 -3.76
N ASN B 64 -9.13 1.56 -5.08
CA ASN B 64 -10.07 2.50 -5.76
C ASN B 64 -10.49 1.91 -7.08
N GLY B 65 -11.78 2.06 -7.40
CA GLY B 65 -12.28 1.57 -8.67
C GLY B 65 -12.45 0.06 -8.60
N SER B 66 -12.20 -0.57 -9.74
CA SER B 66 -12.40 -2.02 -9.89
C SER B 66 -11.41 -2.61 -10.89
N VAL B 67 -11.08 -3.89 -10.72
CA VAL B 67 -10.16 -4.59 -11.59
C VAL B 67 -10.53 -6.07 -11.51
N LYS B 68 -10.33 -6.78 -12.60
CA LYS B 68 -10.70 -8.18 -12.65
C LYS B 68 -9.44 -8.98 -12.71
N ILE B 69 -9.40 -10.05 -11.94
CA ILE B 69 -8.23 -10.89 -11.84
C ILE B 69 -8.65 -12.28 -12.31
N ARG B 70 -7.94 -12.78 -13.30
CA ARG B 70 -8.19 -14.10 -13.90
C ARG B 70 -7.13 -14.96 -13.30
N LEU B 71 -7.58 -16.01 -12.61
CA LEU B 71 -6.67 -16.87 -11.88
C LEU B 71 -6.73 -18.19 -12.62
N LYS B 72 -5.58 -18.69 -13.01
CA LYS B 72 -5.54 -20.00 -13.64
C LYS B 72 -4.62 -20.95 -12.92
N ILE B 73 -5.11 -22.19 -12.78
CA ILE B 73 -4.27 -23.37 -12.58
C ILE B 73 -4.71 -24.43 -13.58
N PRO B 74 -3.88 -25.49 -13.75
CA PRO B 74 -4.21 -26.55 -14.70
C PRO B 74 -5.66 -27.04 -14.60
N ASP B 75 -6.36 -26.87 -15.72
CA ASP B 75 -7.74 -27.33 -15.87
C ASP B 75 -8.77 -26.42 -15.18
N GLU B 76 -8.39 -25.19 -14.82
CA GLU B 76 -9.23 -24.43 -13.92
C GLU B 76 -9.01 -22.92 -14.12
N GLU B 77 -10.10 -22.15 -14.10
CA GLU B 77 -9.95 -20.73 -14.32
C GLU B 77 -11.10 -19.96 -13.70
N LYS B 78 -10.79 -18.94 -12.88
CA LYS B 78 -11.85 -18.10 -12.27
C LYS B 78 -11.50 -16.65 -12.43
N ILE B 79 -12.52 -15.81 -12.50
CA ILE B 79 -12.34 -14.39 -12.61
C ILE B 79 -12.93 -13.80 -11.36
N ILE B 80 -12.16 -12.99 -10.64
CA ILE B 80 -12.65 -12.36 -9.39
C ILE B 80 -12.51 -10.89 -9.60
N GLU B 81 -13.57 -10.16 -9.31
CA GLU B 81 -13.54 -8.73 -9.43
C GLU B 81 -13.29 -8.18 -8.07
N LEU B 82 -12.29 -7.31 -7.97
CA LEU B 82 -11.98 -6.68 -6.71
C LEU B 82 -12.43 -5.24 -6.87
N ASN B 83 -13.17 -4.82 -5.87
CA ASN B 83 -13.72 -3.49 -5.87
C ASN B 83 -14.00 -3.00 -4.49
N ASP B 84 -13.34 -3.54 -3.47
CA ASP B 84 -13.58 -3.15 -2.11
C ASP B 84 -12.25 -3.14 -1.36
N PRO B 85 -11.86 -2.00 -0.79
CA PRO B 85 -10.53 -1.90 -0.22
C PRO B 85 -10.35 -2.76 1.00
N SER B 86 -11.43 -3.27 1.59
CA SER B 86 -11.37 -4.01 2.84
C SER B 86 -11.30 -5.51 2.63
N VAL B 87 -11.22 -5.92 1.36
CA VAL B 87 -11.05 -7.29 0.94
C VAL B 87 -9.76 -7.52 0.14
N GLY B 88 -8.94 -8.45 0.60
CA GLY B 88 -7.74 -8.89 -0.10
C GLY B 88 -7.89 -10.26 -0.75
N LEU B 89 -7.22 -10.42 -1.87
CA LEU B 89 -7.15 -11.68 -2.59
C LEU B 89 -5.76 -12.24 -2.33
N TYR B 90 -5.74 -13.28 -1.49
CA TYR B 90 -4.54 -14.06 -1.27
C TYR B 90 -4.29 -14.98 -2.43
N ILE B 91 -3.04 -14.94 -2.91
CA ILE B 91 -2.57 -15.87 -3.96
C ILE B 91 -1.27 -16.52 -3.58
N GLY B 92 -1.34 -17.81 -3.37
CA GLY B 92 -0.15 -18.59 -3.08
C GLY B 92 0.57 -19.10 -4.33
N PRO B 93 1.47 -20.06 -4.11
CA PRO B 93 2.40 -20.44 -5.16
C PRO B 93 1.73 -21.15 -6.33
N LEU B 94 2.32 -21.00 -7.50
CA LEU B 94 1.88 -21.73 -8.70
C LEU B 94 0.46 -21.50 -9.11
N VAL B 95 -0.04 -20.30 -8.86
CA VAL B 95 -1.23 -19.81 -9.54
C VAL B 95 -0.83 -18.80 -10.61
N TRP B 96 -1.38 -18.92 -11.82
CA TRP B 96 -1.04 -18.00 -12.91
C TRP B 96 -2.08 -16.89 -12.85
N ARG B 97 -1.67 -15.66 -13.02
CA ARG B 97 -2.68 -14.59 -13.02
CA ARG B 97 -2.66 -14.57 -13.00
C ARG B 97 -2.50 -13.56 -14.11
N GLU B 98 -3.63 -12.98 -14.51
CA GLU B 98 -3.72 -11.92 -15.51
C GLU B 98 -4.72 -10.95 -14.97
N MET B 99 -4.52 -9.66 -15.20
CA MET B 99 -5.47 -8.70 -14.70
C MET B 99 -6.00 -7.79 -15.78
N PHE B 100 -7.27 -7.45 -15.74
CA PHE B 100 -7.86 -6.68 -16.84
C PHE B 100 -9.06 -5.93 -16.38
N ASP B 101 -9.65 -5.13 -17.27
CA ASP B 101 -10.73 -4.26 -16.89
C ASP B 101 -10.40 -3.36 -15.73
N PHE B 102 -9.21 -2.79 -15.75
CA PHE B 102 -8.90 -1.75 -14.80
C PHE B 102 -9.75 -0.54 -15.12
N THR B 103 -10.47 -0.06 -14.12
CA THR B 103 -11.25 1.16 -14.29
C THR B 103 -10.42 2.44 -14.15
N GLU B 104 -11.00 3.50 -14.68
CA GLU B 104 -10.59 4.87 -14.48
C GLU B 104 -10.26 5.16 -13.03
N GLY B 105 -9.01 5.50 -12.75
CA GLY B 105 -8.62 5.76 -11.34
C GLY B 105 -8.36 4.50 -10.48
N CYS B 106 -8.35 3.32 -11.10
CA CYS B 106 -8.12 2.09 -10.37
C CYS B 106 -6.73 2.11 -9.74
N VAL B 107 -6.68 1.57 -8.51
CA VAL B 107 -5.37 1.42 -7.80
C VAL B 107 -5.32 -0.04 -7.30
N LEU B 108 -4.36 -0.83 -7.76
CA LEU B 108 -4.18 -2.19 -7.24
C LEU B 108 -2.89 -2.26 -6.42
N LEU B 109 -3.05 -2.61 -5.15
CA LEU B 109 -1.90 -2.67 -4.25
C LEU B 109 -1.60 -4.15 -4.11
N VAL B 110 -0.32 -4.50 -4.05
CA VAL B 110 0.08 -5.87 -3.82
C VAL B 110 1.07 -5.90 -2.66
N LEU B 111 0.77 -6.78 -1.69
CA LEU B 111 1.69 -7.06 -0.56
C LEU B 111 2.33 -8.43 -0.85
N ALA B 112 3.65 -8.49 -0.70
CA ALA B 112 4.39 -9.72 -1.04
C ALA B 112 5.30 -10.21 0.08
N SER B 113 5.42 -11.54 0.16
CA SER B 113 6.12 -12.19 1.26
C SER B 113 7.62 -12.31 1.06
N GLU B 114 8.19 -11.87 -0.07
CA GLU B 114 9.63 -11.90 -0.22
C GLU B 114 10.10 -10.75 -1.09
N TYR B 115 11.38 -10.41 -1.00
CA TYR B 115 11.94 -9.42 -1.97
C TYR B 115 11.93 -9.98 -3.37
N TYR B 116 11.88 -9.09 -4.35
CA TYR B 116 11.87 -9.47 -5.75
C TYR B 116 13.05 -10.40 -6.06
N ASP B 117 12.74 -11.48 -6.78
CA ASP B 117 13.70 -12.50 -7.15
C ASP B 117 13.29 -12.99 -8.53
N GLU B 118 13.97 -12.52 -9.57
CA GLU B 118 13.60 -12.93 -10.93
C GLU B 118 13.60 -14.44 -11.04
N THR B 119 14.52 -15.12 -10.37
CA THR B 119 14.54 -16.57 -10.50
C THR B 119 13.26 -17.27 -10.05
N ASP B 120 12.36 -16.57 -9.37
CA ASP B 120 11.14 -17.21 -8.91
C ASP B 120 9.91 -16.64 -9.62
N TYR B 121 10.14 -15.77 -10.61
CA TYR B 121 9.05 -15.22 -11.45
C TYR B 121 8.98 -16.09 -12.70
N ILE B 122 7.88 -16.82 -12.83
CA ILE B 122 7.60 -17.64 -14.01
C ILE B 122 6.81 -16.85 -15.04
N ARG B 123 7.44 -16.48 -16.15
CA ARG B 123 6.78 -15.61 -17.15
C ARG B 123 6.38 -16.37 -18.41
N ASN B 124 6.82 -17.61 -18.51
CA ASN B 124 6.60 -18.42 -19.72
C ASN B 124 5.49 -19.42 -19.42
N TYR B 125 4.35 -19.25 -20.07
CA TYR B 125 3.21 -20.09 -19.73
C TYR B 125 3.51 -21.60 -19.89
N ASP B 126 4.33 -21.95 -20.88
CA ASP B 126 4.59 -23.39 -21.06
C ASP B 126 5.37 -23.94 -19.87
N PHE B 127 6.32 -23.16 -19.38
CA PHE B 127 7.05 -23.55 -18.17
C PHE B 127 6.12 -23.64 -16.96
N TYR B 128 5.22 -22.69 -16.85
CA TYR B 128 4.19 -22.73 -15.81
C TYR B 128 3.39 -24.00 -15.82
N ILE B 129 2.83 -24.30 -16.97
CA ILE B 129 1.98 -25.46 -17.11
C ILE B 129 2.76 -26.72 -16.75
N ASP B 130 4.02 -26.75 -17.13
CA ASP B 130 4.83 -27.92 -16.90
C ASP B 130 5.01 -28.09 -15.38
N GLU B 131 5.44 -27.03 -14.71
CA GLU B 131 5.59 -27.08 -13.22
C GLU B 131 4.27 -27.32 -12.46
N ALA B 132 3.22 -26.60 -12.85
CA ALA B 132 1.93 -26.68 -12.18
C ALA B 132 1.21 -28.01 -12.35
N LYS B 133 1.32 -28.68 -13.48
CA LYS B 133 0.57 -29.95 -13.58
C LYS B 133 1.18 -31.03 -12.65
N LYS B 134 2.45 -30.87 -12.32
CA LYS B 134 3.06 -31.74 -11.33
C LYS B 134 2.52 -31.51 -9.91
N ARG B 135 2.16 -30.28 -9.56
CA ARG B 135 1.53 -29.96 -8.25
C ARG B 135 0.04 -30.32 -8.20
N PHE B 136 -0.72 -29.87 -9.20
CA PHE B 136 -2.18 -29.91 -9.10
C PHE B 136 -2.78 -31.18 -9.66
N LEU B 137 -2.03 -31.90 -10.49
CA LEU B 137 -2.57 -33.06 -11.20
C LEU B 137 -1.93 -34.34 -10.65
#